data_3B6D
#
_entry.id   3B6D
#
_cell.length_a   51.300
_cell.length_b   73.140
_cell.length_c   63.140
_cell.angle_alpha   90.00
_cell.angle_beta   105.05
_cell.angle_gamma   90.00
#
_symmetry.space_group_name_H-M   'P 1 21 1'
#
loop_
_entity.id
_entity.type
_entity.pdbx_description
1 polymer 'Cholesterol oxidase'
2 non-polymer 'SULFATE ION'
3 non-polymer 'FLAVIN-N7 PROTONATED-ADENINE DINUCLEOTIDE'
4 water water
#
_entity_poly.entity_id   1
_entity_poly.type   'polypeptide(L)'
_entity_poly.pdbx_seq_one_letter_code
;DNGGYVPAVVIGTGYGAAVSALRLGEAGVQTLMLEMGQLWNQPGPDGNIFCGMLNPDKRSSWFKNRTEAPLGSFLWLDVV
NRNIDPYAGVLDRVNYDQMSVYVGRGVGGGSLVNGGMAVEPKRSYFEEILPRVDSSEMYDRYFPRANSMLRVNHIDTKWF
EDTEWYKFARVSREQAGKAGLGTVFVPNVYDFGYMQREAAGEVPKSALATEVIYGNNHGKQSLDKTYLAAALGTGKVTIQ
TLHQVKTIRQTKDGGYALTVEQKDTDGKLLATKEISCRYLFLGAGSLGSTELLVRARDTGTLPNLNSEVGAGWGPNGNIM
TARANHMWNPTGAHQSSIPALGIDAWDNSDSSVFAQIAPMPAGLETWVSLYLAITKNPQRGTFVYDAATDRAKLNWTRDQ
NAPAVNAAKALFDRINKANGTIYRYDLFGTQLKAFADDFCYQPLGGCVLGKATDDYGRVAGYKNLYVTDGSLIPGSVGVN
PFVTITALAERNVERIIKQDVTAS
;
_entity_poly.pdbx_strand_id   A
#
# COMPACT_ATOMS: atom_id res chain seq x y z
N GLY A 4 20.07 -0.08 -22.70
CA GLY A 4 21.00 -1.21 -22.68
C GLY A 4 20.47 -2.49 -22.05
N TYR A 5 21.32 -3.50 -21.87
N TYR A 5 21.33 -3.50 -21.91
CA TYR A 5 21.01 -4.80 -21.34
CA TYR A 5 21.04 -4.81 -21.40
C TYR A 5 21.42 -4.89 -19.89
C TYR A 5 21.51 -4.95 -19.98
N VAL A 6 20.60 -5.51 -19.08
N VAL A 6 20.68 -5.50 -19.12
CA VAL A 6 20.90 -5.85 -17.71
CA VAL A 6 21.03 -5.90 -17.77
C VAL A 6 20.34 -7.26 -17.47
C VAL A 6 20.38 -7.26 -17.51
N PRO A 7 21.03 -8.16 -16.80
CA PRO A 7 20.45 -9.50 -16.61
C PRO A 7 19.05 -9.54 -16.06
N ALA A 8 18.76 -8.84 -14.97
CA ALA A 8 17.42 -8.75 -14.41
C ALA A 8 17.00 -7.30 -14.28
N VAL A 9 15.74 -7.07 -14.63
CA VAL A 9 15.09 -5.81 -14.37
C VAL A 9 13.91 -6.06 -13.44
N VAL A 10 13.77 -5.18 -12.46
CA VAL A 10 12.63 -5.13 -11.57
C VAL A 10 11.92 -3.80 -11.80
N ILE A 11 10.65 -3.84 -12.15
CA ILE A 11 9.83 -2.63 -12.34
C ILE A 11 9.16 -2.27 -11.05
N GLY A 12 9.45 -1.08 -10.53
CA GLY A 12 8.93 -0.63 -9.25
C GLY A 12 9.86 -0.87 -8.13
N THR A 13 9.55 -0.31 -6.95
CA THR A 13 10.39 -0.43 -5.77
C THR A 13 9.57 -0.50 -4.49
N GLY A 14 8.35 -1.07 -4.58
CA GLY A 14 7.53 -1.43 -3.45
C GLY A 14 7.91 -2.78 -2.86
N TYR A 15 6.98 -3.40 -2.14
CA TYR A 15 7.29 -4.58 -1.34
C TYR A 15 7.72 -5.76 -2.18
N GLY A 16 6.95 -6.11 -3.21
CA GLY A 16 7.34 -7.25 -4.05
C GLY A 16 8.63 -7.01 -4.74
N ALA A 17 8.83 -5.82 -5.27
CA ALA A 17 10.02 -5.45 -5.98
C ALA A 17 11.27 -5.50 -5.10
N ALA A 18 11.15 -4.97 -3.87
CA ALA A 18 12.27 -4.85 -2.96
C ALA A 18 12.74 -6.21 -2.51
N VAL A 19 11.81 -7.11 -2.18
CA VAL A 19 12.18 -8.49 -1.84
C VAL A 19 12.90 -9.15 -3.01
N SER A 20 12.31 -9.01 -4.18
CA SER A 20 12.87 -9.68 -5.36
C SER A 20 14.28 -9.20 -5.62
N ALA A 21 14.49 -7.88 -5.63
CA ALA A 21 15.81 -7.33 -5.90
C ALA A 21 16.84 -7.75 -4.86
N LEU A 22 16.52 -7.77 -3.57
CA LEU A 22 17.47 -8.21 -2.54
C LEU A 22 17.93 -9.61 -2.83
N ARG A 23 16.99 -10.52 -3.09
CA ARG A 23 17.37 -11.93 -3.21
C ARG A 23 18.08 -12.16 -4.53
N LEU A 24 17.69 -11.44 -5.59
CA LEU A 24 18.46 -11.54 -6.83
C LEU A 24 19.89 -11.08 -6.62
N GLY A 25 20.09 -9.97 -5.93
CA GLY A 25 21.43 -9.50 -5.71
C GLY A 25 22.28 -10.42 -4.87
N GLU A 26 21.64 -10.98 -3.86
CA GLU A 26 22.34 -11.93 -3.03
C GLU A 26 22.73 -13.19 -3.82
N ALA A 27 21.98 -13.54 -4.85
CA ALA A 27 22.22 -14.69 -5.73
C ALA A 27 23.25 -14.28 -6.80
N GLY A 28 23.73 -13.03 -6.84
CA GLY A 28 24.76 -12.59 -7.76
C GLY A 28 24.23 -12.16 -9.12
N VAL A 29 22.92 -11.93 -9.21
CA VAL A 29 22.31 -11.48 -10.46
C VAL A 29 22.33 -9.95 -10.49
N GLN A 30 23.03 -9.37 -11.45
CA GLN A 30 22.99 -7.94 -11.62
C GLN A 30 21.59 -7.49 -12.06
N THR A 31 21.08 -6.55 -11.26
CA THR A 31 19.67 -6.16 -11.26
C THR A 31 19.53 -4.66 -11.32
N LEU A 32 18.67 -4.23 -12.23
CA LEU A 32 18.28 -2.82 -12.32
C LEU A 32 16.82 -2.65 -11.93
N MET A 33 16.57 -1.77 -10.96
CA MET A 33 15.22 -1.40 -10.60
C MET A 33 14.83 -0.10 -11.26
N LEU A 34 13.64 -0.06 -11.85
CA LEU A 34 13.15 1.14 -12.49
C LEU A 34 11.96 1.68 -11.72
N GLU A 35 12.07 2.90 -11.20
CA GLU A 35 11.03 3.49 -10.37
C GLU A 35 10.57 4.79 -11.00
N MET A 36 9.26 4.94 -11.17
CA MET A 36 8.74 6.16 -11.84
C MET A 36 8.80 7.38 -10.94
N GLY A 37 8.73 7.19 -9.62
CA GLY A 37 8.85 8.32 -8.67
C GLY A 37 10.27 8.60 -8.29
N GLN A 38 10.39 9.47 -7.28
CA GLN A 38 11.66 9.97 -6.80
C GLN A 38 12.30 9.12 -5.72
N LEU A 39 13.60 9.26 -5.57
CA LEU A 39 14.31 8.89 -4.35
C LEU A 39 14.12 10.00 -3.35
N TRP A 40 13.45 9.74 -2.24
CA TRP A 40 13.08 10.79 -1.32
C TRP A 40 14.15 11.02 -0.28
N ASN A 41 15.13 11.85 -0.67
CA ASN A 41 16.25 12.12 0.23
C ASN A 41 16.76 13.57 0.16
N GLN A 42 16.04 14.47 -0.48
N GLN A 42 16.06 14.51 -0.46
CA GLN A 42 16.37 15.87 -0.62
CA GLN A 42 16.52 15.89 -0.46
C GLN A 42 15.54 16.78 0.28
C GLN A 42 15.69 16.80 0.43
N PRO A 43 16.17 17.43 1.25
N PRO A 43 16.31 17.69 1.20
CA PRO A 43 15.36 18.34 2.07
CA PRO A 43 15.48 18.57 2.01
C PRO A 43 14.69 19.41 1.22
C PRO A 43 14.66 19.48 1.09
N GLY A 44 13.42 19.69 1.49
CA GLY A 44 12.56 20.62 0.80
C GLY A 44 12.65 22.03 1.40
N PRO A 45 11.66 22.83 1.05
N PRO A 45 11.77 22.92 0.99
CA PRO A 45 11.64 24.25 1.41
CA PRO A 45 11.85 24.32 1.44
C PRO A 45 11.71 24.49 2.91
C PRO A 45 11.63 24.55 2.92
N ASP A 46 11.19 23.54 3.68
CA ASP A 46 11.09 23.61 5.12
C ASP A 46 12.20 22.84 5.83
N GLY A 47 13.17 22.40 5.06
CA GLY A 47 14.26 21.61 5.60
C GLY A 47 13.93 20.15 5.78
N ASN A 48 12.71 19.71 5.52
CA ASN A 48 12.34 18.31 5.69
C ASN A 48 12.18 17.66 4.32
N ILE A 49 12.33 16.33 4.28
N ILE A 49 12.33 16.33 4.26
CA ILE A 49 12.08 15.64 3.02
CA ILE A 49 12.09 15.60 3.02
C ILE A 49 10.59 15.73 2.66
C ILE A 49 10.62 15.61 2.65
N PHE A 50 9.74 15.32 3.59
CA PHE A 50 8.32 15.18 3.37
C PHE A 50 7.50 16.27 4.04
N CYS A 51 6.37 16.63 3.46
N CYS A 51 6.35 16.59 3.45
CA CYS A 51 5.44 17.57 4.07
CA CYS A 51 5.44 17.48 4.14
C CYS A 51 4.51 16.81 5.03
C CYS A 51 4.70 16.67 5.23
N GLY A 52 4.08 17.44 6.10
CA GLY A 52 3.12 16.90 7.05
C GLY A 52 1.69 17.12 6.58
N MET A 53 0.78 16.55 7.34
N MET A 53 0.73 16.52 7.29
CA MET A 53 -0.64 16.63 6.97
CA MET A 53 -0.66 16.66 6.90
C MET A 53 -1.28 17.98 7.24
C MET A 53 -1.20 18.06 7.14
N LEU A 54 -0.70 18.79 8.13
N LEU A 54 -0.58 18.82 8.05
CA LEU A 54 -1.12 20.15 8.38
CA LEU A 54 -1.12 20.16 8.28
C LEU A 54 -0.40 21.18 7.50
C LEU A 54 -0.44 21.21 7.43
N ASN A 55 0.61 20.78 6.72
CA ASN A 55 1.30 21.73 5.81
C ASN A 55 1.54 21.06 4.44
N PRO A 56 0.48 20.58 3.80
CA PRO A 56 0.73 19.94 2.49
C PRO A 56 1.20 20.94 1.46
N ASP A 57 2.12 20.50 0.60
N ASP A 57 2.07 20.45 0.59
CA ASP A 57 2.57 21.31 -0.53
CA ASP A 57 2.52 21.24 -0.57
C ASP A 57 2.71 20.36 -1.71
C ASP A 57 2.66 20.30 -1.76
N LYS A 58 3.43 20.72 -2.75
CA LYS A 58 3.50 19.90 -3.96
C LYS A 58 4.09 18.53 -3.69
N ARG A 59 4.88 18.35 -2.65
CA ARG A 59 5.47 17.07 -2.33
C ARG A 59 4.40 16.05 -1.91
N SER A 60 3.22 16.51 -1.56
N SER A 60 3.19 16.49 -1.60
CA SER A 60 2.17 15.66 -1.07
CA SER A 60 2.23 15.51 -1.10
C SER A 60 1.49 14.89 -2.19
C SER A 60 1.60 14.71 -2.23
N SER A 61 1.64 15.31 -3.43
CA SER A 61 0.73 14.87 -4.49
C SER A 61 1.42 14.54 -5.79
N TRP A 62 1.08 13.41 -6.41
CA TRP A 62 1.57 13.08 -7.72
C TRP A 62 0.75 13.78 -8.80
N PHE A 63 1.30 14.83 -9.36
CA PHE A 63 0.75 15.58 -10.49
C PHE A 63 -0.71 15.96 -10.32
N LYS A 64 -0.96 16.68 -9.24
N LYS A 64 -0.97 16.68 -9.24
CA LYS A 64 -2.22 17.32 -8.95
CA LYS A 64 -2.25 17.31 -8.99
C LYS A 64 -2.02 18.81 -8.86
C LYS A 64 -2.04 18.82 -8.87
N ASN A 65 -3.10 19.60 -9.09
CA ASN A 65 -2.95 21.04 -8.98
C ASN A 65 -3.48 21.66 -7.70
N ARG A 66 -3.91 20.83 -6.76
CA ARG A 66 -4.37 21.29 -5.46
C ARG A 66 -4.17 20.14 -4.48
N THR A 67 -3.74 20.48 -3.28
CA THR A 67 -3.65 19.48 -2.21
C THR A 67 -5.05 19.04 -1.82
N GLU A 68 -5.11 17.89 -1.20
N GLU A 68 -5.13 17.91 -1.14
CA GLU A 68 -6.34 17.30 -0.65
CA GLU A 68 -6.43 17.51 -0.62
C GLU A 68 -6.19 16.99 0.82
C GLU A 68 -6.26 16.86 0.74
N ALA A 69 -7.30 17.04 1.56
CA ALA A 69 -7.31 16.59 2.94
C ALA A 69 -7.27 15.07 3.05
N PRO A 70 -6.61 14.52 4.03
CA PRO A 70 -6.71 13.05 4.24
C PRO A 70 -8.16 12.67 4.47
N LEU A 71 -8.56 11.55 3.84
N LEU A 71 -8.54 11.48 3.99
CA LEU A 71 -9.98 11.14 3.91
CA LEU A 71 -9.92 11.01 4.12
C LEU A 71 -10.41 10.97 5.35
C LEU A 71 -10.38 10.91 5.55
N GLY A 72 -11.54 11.56 5.74
CA GLY A 72 -12.10 11.66 7.06
C GLY A 72 -11.91 13.03 7.69
N SER A 73 -10.95 13.78 7.19
N SER A 73 -10.96 13.83 7.21
CA SER A 73 -10.43 14.99 7.82
CA SER A 73 -10.65 15.07 7.91
C SER A 73 -10.84 16.25 7.10
C SER A 73 -10.86 16.32 7.12
N PHE A 74 -11.54 16.24 5.98
CA PHE A 74 -11.87 17.44 5.26
C PHE A 74 -12.49 18.53 6.10
N LEU A 75 -13.33 18.23 7.07
CA LEU A 75 -13.93 19.29 7.85
C LEU A 75 -12.93 20.13 8.61
N TRP A 76 -11.77 19.58 8.92
CA TRP A 76 -10.79 20.28 9.71
C TRP A 76 -9.53 20.66 8.94
N LEU A 77 -9.21 19.92 7.91
N LEU A 77 -9.21 19.95 7.89
CA LEU A 77 -7.97 20.14 7.18
CA LEU A 77 -7.96 20.19 7.15
C LEU A 77 -8.18 20.77 5.83
C LEU A 77 -8.16 20.80 5.80
N ASP A 78 -9.39 20.99 5.33
CA ASP A 78 -9.51 21.73 4.06
C ASP A 78 -8.92 23.11 4.21
N VAL A 79 -8.93 23.69 5.41
CA VAL A 79 -8.41 25.04 5.62
C VAL A 79 -6.94 25.14 5.28
N VAL A 80 -6.18 24.07 5.29
CA VAL A 80 -4.76 24.12 4.97
C VAL A 80 -4.50 23.73 3.50
N ASN A 81 -5.50 23.43 2.71
CA ASN A 81 -5.28 23.06 1.32
C ASN A 81 -4.85 24.28 0.53
N ARG A 82 -4.04 24.05 -0.46
CA ARG A 82 -3.53 25.08 -1.34
C ARG A 82 -3.36 24.56 -2.77
N ASN A 83 -3.40 25.48 -3.71
CA ASN A 83 -3.03 25.22 -5.09
C ASN A 83 -1.54 24.92 -5.12
N ILE A 84 -1.15 23.98 -5.96
CA ILE A 84 0.23 23.53 -6.11
C ILE A 84 0.55 23.31 -7.56
N ASP A 85 1.86 23.34 -7.86
CA ASP A 85 2.30 22.94 -9.19
C ASP A 85 2.23 21.45 -9.33
N PRO A 86 1.79 20.91 -10.45
CA PRO A 86 1.92 19.47 -10.62
C PRO A 86 3.39 19.08 -10.55
N TYR A 87 3.64 18.03 -9.77
CA TYR A 87 4.97 17.68 -9.35
C TYR A 87 5.02 16.19 -9.06
N ALA A 88 6.18 15.57 -9.09
CA ALA A 88 6.35 14.16 -8.76
C ALA A 88 6.34 13.92 -7.23
N GLY A 89 5.20 14.26 -6.61
CA GLY A 89 5.03 14.06 -5.17
C GLY A 89 4.74 12.65 -4.79
N VAL A 90 4.51 12.40 -3.51
CA VAL A 90 4.70 11.05 -2.97
C VAL A 90 3.42 10.19 -2.96
N LEU A 91 2.26 10.83 -2.99
CA LEU A 91 0.98 10.11 -2.86
C LEU A 91 0.15 10.38 -4.11
N ASP A 92 -0.28 9.33 -4.78
CA ASP A 92 -1.08 9.44 -5.98
C ASP A 92 -2.47 8.90 -5.76
N ARG A 93 -3.46 9.79 -5.84
CA ARG A 93 -4.87 9.36 -5.91
C ARG A 93 -5.20 9.11 -7.38
N VAL A 94 -5.44 7.83 -7.66
CA VAL A 94 -5.73 7.38 -9.02
C VAL A 94 -7.23 7.21 -9.14
N ASN A 95 -7.84 8.02 -9.98
N ASN A 95 -7.84 8.04 -9.98
CA ASN A 95 -9.30 8.05 -10.05
CA ASN A 95 -9.29 8.08 -10.11
C ASN A 95 -9.79 7.24 -11.26
C ASN A 95 -9.75 7.21 -11.27
N TYR A 96 -10.59 6.22 -10.93
CA TYR A 96 -11.31 5.42 -11.89
C TYR A 96 -12.78 5.82 -11.85
N ASP A 97 -13.63 5.24 -12.66
N ASP A 97 -13.60 5.19 -12.66
CA ASP A 97 -14.97 5.79 -12.77
CA ASP A 97 -15.01 5.47 -12.82
C ASP A 97 -15.74 5.77 -11.45
C ASP A 97 -15.71 5.73 -11.48
N GLN A 98 -15.61 4.72 -10.64
CA GLN A 98 -16.37 4.72 -9.36
C GLN A 98 -15.51 4.23 -8.19
N MET A 99 -14.21 4.49 -8.30
CA MET A 99 -13.24 4.09 -7.27
C MET A 99 -12.02 4.98 -7.37
N SER A 100 -11.50 5.43 -6.26
CA SER A 100 -10.26 6.13 -6.20
C SER A 100 -9.26 5.32 -5.39
N VAL A 101 -8.15 4.94 -6.00
CA VAL A 101 -7.14 4.11 -5.40
C VAL A 101 -5.91 4.97 -5.10
N TYR A 102 -5.45 4.91 -3.87
CA TYR A 102 -4.30 5.68 -3.41
C TYR A 102 -3.06 4.82 -3.36
N VAL A 103 -1.97 5.30 -3.98
CA VAL A 103 -0.73 4.54 -4.05
C VAL A 103 0.45 5.48 -3.81
N GLY A 104 1.53 4.92 -3.31
CA GLY A 104 2.79 5.61 -3.15
C GLY A 104 3.56 5.70 -4.45
N ARG A 105 4.33 6.77 -4.60
CA ARG A 105 5.19 7.01 -5.75
C ARG A 105 6.57 7.42 -5.28
N GLY A 106 7.53 6.50 -5.45
CA GLY A 106 8.87 6.80 -5.05
C GLY A 106 9.62 5.53 -4.72
N VAL A 107 10.90 5.68 -4.40
CA VAL A 107 11.70 4.55 -3.99
C VAL A 107 11.22 4.04 -2.67
N GLY A 108 10.61 2.86 -2.65
CA GLY A 108 9.89 2.33 -1.55
C GLY A 108 8.40 2.18 -1.73
N GLY A 109 7.84 2.74 -2.77
CA GLY A 109 6.40 2.59 -3.03
C GLY A 109 5.51 2.99 -1.88
N GLY A 110 4.51 2.17 -1.64
CA GLY A 110 3.54 2.49 -0.60
C GLY A 110 4.13 2.46 0.77
N SER A 111 5.33 1.86 0.95
CA SER A 111 5.97 1.91 2.25
C SER A 111 6.29 3.34 2.68
N LEU A 112 6.39 4.30 1.73
CA LEU A 112 6.63 5.68 2.06
C LEU A 112 5.45 6.32 2.75
N VAL A 113 4.24 5.95 2.37
CA VAL A 113 3.01 6.67 2.71
C VAL A 113 2.08 5.88 3.60
N ASN A 114 2.37 4.61 3.86
CA ASN A 114 1.40 3.79 4.58
C ASN A 114 1.52 3.98 6.09
N GLY A 115 0.56 3.37 6.81
CA GLY A 115 0.49 3.51 8.23
C GLY A 115 1.38 2.55 9.00
N GLY A 116 2.21 1.77 8.29
CA GLY A 116 3.16 0.88 8.88
C GLY A 116 2.59 -0.38 9.52
N MET A 117 1.29 -0.60 9.43
N MET A 117 1.28 -0.59 9.43
CA MET A 117 0.66 -1.70 10.16
CA MET A 117 0.68 -1.70 10.16
C MET A 117 1.05 -3.04 9.53
C MET A 117 1.10 -3.02 9.52
N ALA A 118 1.73 -3.87 10.32
CA ALA A 118 2.34 -5.09 9.80
C ALA A 118 1.71 -6.30 10.44
N VAL A 119 0.83 -6.96 9.73
CA VAL A 119 -0.11 -7.92 10.28
C VAL A 119 -0.10 -9.18 9.45
N GLU A 120 0.07 -10.35 10.04
N GLU A 120 0.03 -10.32 10.09
CA GLU A 120 -0.08 -11.59 9.30
CA GLU A 120 -0.16 -11.63 9.45
C GLU A 120 -1.54 -11.98 9.24
C GLU A 120 -1.63 -11.89 9.23
N PRO A 121 -2.00 -12.47 8.10
CA PRO A 121 -3.40 -12.90 7.98
C PRO A 121 -3.64 -14.13 8.83
N LYS A 122 -4.92 -14.33 9.11
N LYS A 122 -4.93 -14.34 9.09
CA LYS A 122 -5.31 -15.56 9.84
CA LYS A 122 -5.35 -15.59 9.73
C LYS A 122 -5.03 -16.75 8.93
C LYS A 122 -5.00 -16.78 8.84
N ARG A 123 -4.38 -17.80 9.42
CA ARG A 123 -3.99 -18.92 8.59
C ARG A 123 -5.19 -19.57 7.92
N SER A 124 -6.27 -19.75 8.65
CA SER A 124 -7.41 -20.36 8.03
C SER A 124 -7.97 -19.54 6.90
N TYR A 125 -7.85 -18.22 6.93
CA TYR A 125 -8.30 -17.39 5.81
C TYR A 125 -7.29 -17.45 4.65
N PHE A 126 -6.00 -17.45 4.95
CA PHE A 126 -4.99 -17.63 3.91
C PHE A 126 -5.26 -18.92 3.14
N GLU A 127 -5.59 -19.98 3.88
CA GLU A 127 -5.84 -21.29 3.28
C GLU A 127 -7.08 -21.29 2.38
N GLU A 128 -8.08 -20.48 2.75
CA GLU A 128 -9.28 -20.28 1.95
C GLU A 128 -9.02 -19.53 0.65
N ILE A 129 -8.22 -18.44 0.75
CA ILE A 129 -8.03 -17.59 -0.43
C ILE A 129 -7.01 -18.17 -1.39
N LEU A 130 -6.03 -18.94 -0.89
CA LEU A 130 -4.93 -19.45 -1.72
C LEU A 130 -4.73 -20.93 -1.45
N PRO A 131 -5.73 -21.75 -1.84
CA PRO A 131 -5.71 -23.16 -1.51
C PRO A 131 -4.60 -23.90 -2.23
N ARG A 132 -4.02 -23.35 -3.29
CA ARG A 132 -2.94 -24.07 -3.97
C ARG A 132 -1.57 -23.86 -3.35
N VAL A 133 -1.42 -22.96 -2.39
CA VAL A 133 -0.16 -22.64 -1.77
C VAL A 133 0.04 -23.44 -0.51
N ASP A 134 1.26 -23.92 -0.28
N ASP A 134 1.24 -24.00 -0.30
CA ASP A 134 1.61 -24.62 0.96
CA ASP A 134 1.40 -24.71 0.97
C ASP A 134 1.64 -23.69 2.15
C ASP A 134 1.56 -23.67 2.07
N SER A 135 0.61 -23.73 3.00
CA SER A 135 0.51 -22.79 4.09
C SER A 135 1.57 -23.09 5.15
N SER A 136 2.02 -24.34 5.30
CA SER A 136 3.06 -24.56 6.32
C SER A 136 4.34 -23.78 6.07
N GLU A 137 4.79 -23.77 4.81
N GLU A 137 4.77 -23.76 4.80
CA GLU A 137 6.02 -23.01 4.51
CA GLU A 137 6.03 -23.07 4.51
C GLU A 137 5.80 -21.55 4.81
C GLU A 137 5.81 -21.57 4.65
N MET A 138 4.61 -21.04 4.50
CA MET A 138 4.35 -19.64 4.69
C MET A 138 4.46 -19.30 6.17
N TYR A 139 3.79 -20.04 7.05
CA TYR A 139 3.75 -19.69 8.47
C TYR A 139 5.02 -20.13 9.18
N ASP A 140 5.68 -21.17 8.70
CA ASP A 140 6.91 -21.62 9.36
C ASP A 140 8.14 -20.85 8.92
N ARG A 141 8.20 -20.35 7.69
CA ARG A 141 9.44 -19.81 7.11
C ARG A 141 9.24 -18.40 6.60
N TYR A 142 8.33 -18.16 5.69
CA TYR A 142 8.31 -16.90 4.96
C TYR A 142 7.68 -15.74 5.74
N PHE A 143 6.63 -15.96 6.51
CA PHE A 143 6.10 -14.90 7.37
C PHE A 143 7.13 -14.50 8.39
N PRO A 144 7.74 -15.40 9.13
CA PRO A 144 8.79 -14.96 10.03
C PRO A 144 9.94 -14.22 9.36
N ARG A 145 10.38 -14.63 8.18
CA ARG A 145 11.45 -13.94 7.49
C ARG A 145 11.03 -12.52 7.16
N ALA A 146 9.82 -12.34 6.64
CA ALA A 146 9.32 -10.99 6.33
C ALA A 146 9.26 -10.14 7.59
N ASN A 147 8.73 -10.71 8.66
N ASN A 147 8.78 -10.63 8.72
CA ASN A 147 8.62 -10.01 9.95
CA ASN A 147 8.69 -9.73 9.87
C ASN A 147 9.94 -9.37 10.32
C ASN A 147 10.04 -9.32 10.43
N SER A 148 10.97 -10.22 10.35
N SER A 148 11.07 -10.15 10.25
CA SER A 148 12.30 -9.77 10.71
CA SER A 148 12.39 -9.76 10.74
C SER A 148 12.89 -8.74 9.77
C SER A 148 13.05 -8.72 9.85
N MET A 149 12.82 -9.04 8.47
N MET A 149 12.93 -8.93 8.53
CA MET A 149 13.47 -8.19 7.48
CA MET A 149 13.58 -8.05 7.57
C MET A 149 12.83 -6.80 7.48
C MET A 149 12.82 -6.73 7.44
N LEU A 150 11.50 -6.74 7.68
CA LEU A 150 10.74 -5.47 7.65
C LEU A 150 10.99 -4.66 8.91
N ARG A 151 11.56 -5.18 9.99
N ARG A 151 11.58 -5.25 9.93
CA ARG A 151 11.76 -4.45 11.24
CA ARG A 151 11.83 -4.68 11.24
C ARG A 151 10.48 -4.23 11.99
C ARG A 151 10.54 -4.30 11.96
N VAL A 152 9.59 -5.24 11.91
CA VAL A 152 8.35 -5.15 12.68
C VAL A 152 8.68 -5.07 14.18
N ASN A 153 7.96 -4.20 14.89
CA ASN A 153 8.11 -4.06 16.33
C ASN A 153 6.74 -3.83 16.97
N HIS A 154 6.76 -3.82 18.31
CA HIS A 154 5.55 -3.83 19.11
C HIS A 154 5.57 -2.68 20.11
N ILE A 155 4.43 -2.03 20.24
CA ILE A 155 4.33 -0.90 21.18
C ILE A 155 4.47 -1.36 22.61
N ASP A 156 5.04 -0.51 23.47
N ASP A 156 5.11 -0.54 23.46
CA ASP A 156 5.10 -0.78 24.90
CA ASP A 156 5.12 -0.90 24.88
C ASP A 156 3.75 -0.57 25.57
C ASP A 156 3.72 -0.63 25.46
N THR A 157 3.14 -1.63 26.12
CA THR A 157 1.79 -1.56 26.64
C THR A 157 1.66 -0.53 27.75
N LYS A 158 2.65 -0.35 28.59
CA LYS A 158 2.56 0.63 29.69
C LYS A 158 2.51 2.04 29.14
N TRP A 159 3.43 2.29 28.19
CA TRP A 159 3.45 3.60 27.57
C TRP A 159 2.14 3.90 26.85
N PHE A 160 1.66 2.91 26.10
CA PHE A 160 0.41 3.03 25.39
C PHE A 160 -0.72 3.43 26.33
N GLU A 161 -0.79 2.81 27.51
N GLU A 161 -0.75 2.76 27.48
CA GLU A 161 -1.87 3.00 28.44
CA GLU A 161 -1.85 2.97 28.42
C GLU A 161 -1.81 4.41 29.03
C GLU A 161 -1.80 4.39 28.96
N ASP A 162 -0.59 4.92 29.17
CA ASP A 162 -0.41 6.19 29.86
C ASP A 162 -0.45 7.38 28.92
N THR A 163 -0.02 7.33 27.68
CA THR A 163 0.24 8.50 26.88
C THR A 163 -1.00 9.15 26.32
N GLU A 164 -0.97 10.48 26.32
CA GLU A 164 -2.03 11.22 25.68
C GLU A 164 -2.20 10.93 24.20
N TRP A 165 -1.11 10.47 23.59
CA TRP A 165 -1.09 10.34 22.11
C TRP A 165 -1.90 9.16 21.66
N TYR A 166 -2.35 8.30 22.56
CA TYR A 166 -3.19 7.14 22.22
C TYR A 166 -4.51 7.17 22.99
N LYS A 167 -4.88 8.29 23.59
CA LYS A 167 -6.23 8.34 24.15
C LYS A 167 -7.30 7.99 23.14
N PHE A 168 -7.14 8.36 21.89
CA PHE A 168 -8.17 8.07 20.87
C PHE A 168 -8.41 6.58 20.80
N ALA A 169 -7.33 5.81 20.94
CA ALA A 169 -7.42 4.36 20.79
C ALA A 169 -8.07 3.75 22.01
N ARG A 170 -7.72 4.29 23.19
CA ARG A 170 -8.34 3.74 24.40
C ARG A 170 -9.82 4.02 24.48
N VAL A 171 -10.25 5.18 23.96
CA VAL A 171 -11.68 5.48 23.92
C VAL A 171 -12.42 4.45 23.08
N SER A 172 -11.96 4.22 21.86
CA SER A 172 -12.63 3.20 21.06
C SER A 172 -12.52 1.80 21.67
N ARG A 173 -11.44 1.45 22.32
CA ARG A 173 -11.39 0.16 23.02
C ARG A 173 -12.50 0.07 24.05
N GLU A 174 -12.74 1.11 24.80
CA GLU A 174 -13.74 1.03 25.87
C GLU A 174 -15.10 0.95 25.26
N GLN A 175 -15.34 1.70 24.20
CA GLN A 175 -16.65 1.67 23.59
C GLN A 175 -16.93 0.32 22.95
N ALA A 176 -15.93 -0.27 22.29
CA ALA A 176 -16.11 -1.55 21.68
C ALA A 176 -16.35 -2.60 22.75
N GLY A 177 -15.65 -2.46 23.86
CA GLY A 177 -15.83 -3.42 24.96
C GLY A 177 -17.25 -3.51 25.46
N LYS A 178 -17.98 -2.41 25.48
CA LYS A 178 -19.36 -2.40 25.93
C LYS A 178 -20.25 -3.17 24.98
N ALA A 179 -19.80 -3.38 23.75
CA ALA A 179 -20.55 -4.20 22.80
C ALA A 179 -20.06 -5.64 22.71
N GLY A 180 -19.17 -6.00 23.64
CA GLY A 180 -18.65 -7.36 23.60
C GLY A 180 -17.55 -7.62 22.60
N LEU A 181 -16.91 -6.55 22.14
CA LEU A 181 -15.89 -6.65 21.11
C LEU A 181 -14.54 -6.31 21.73
N GLY A 182 -13.56 -7.13 21.40
CA GLY A 182 -12.23 -6.81 21.92
C GLY A 182 -11.37 -6.20 20.84
N THR A 183 -10.22 -5.72 21.31
CA THR A 183 -9.21 -5.16 20.46
C THR A 183 -7.93 -5.97 20.50
N VAL A 184 -7.05 -5.67 19.54
CA VAL A 184 -5.74 -6.26 19.44
C VAL A 184 -4.75 -5.14 19.15
N PHE A 185 -3.55 -5.31 19.68
CA PHE A 185 -2.40 -4.48 19.30
C PHE A 185 -1.92 -4.87 17.92
N VAL A 186 -1.61 -3.89 17.12
CA VAL A 186 -1.21 -4.09 15.73
C VAL A 186 0.29 -3.78 15.66
N PRO A 187 1.12 -4.74 15.29
CA PRO A 187 2.55 -4.48 15.13
C PRO A 187 2.78 -3.47 14.00
N ASN A 188 3.95 -2.87 13.98
CA ASN A 188 4.21 -1.77 13.05
C ASN A 188 5.70 -1.75 12.71
N VAL A 189 6.01 -1.11 11.55
CA VAL A 189 7.38 -0.83 11.19
C VAL A 189 7.84 0.56 11.63
N TYR A 190 6.97 1.38 12.18
CA TYR A 190 7.40 2.59 12.85
C TYR A 190 8.04 2.21 14.16
N ASP A 191 9.19 2.74 14.47
N ASP A 191 9.20 2.76 14.42
CA ASP A 191 9.96 2.41 15.67
CA ASP A 191 9.83 2.39 15.69
C ASP A 191 9.28 2.96 16.90
C ASP A 191 9.12 3.03 16.86
N PHE A 192 8.59 2.13 17.70
CA PHE A 192 7.83 2.59 18.85
C PHE A 192 8.76 3.11 19.93
N GLY A 193 10.02 2.67 20.01
CA GLY A 193 10.93 3.28 20.99
C GLY A 193 11.22 4.73 20.63
N TYR A 194 11.38 4.97 19.34
CA TYR A 194 11.54 6.34 18.83
C TYR A 194 10.32 7.15 19.18
N MET A 195 9.14 6.55 18.98
CA MET A 195 7.91 7.28 19.26
C MET A 195 7.81 7.71 20.71
N GLN A 196 8.26 6.87 21.66
N GLN A 196 8.22 6.80 21.60
CA GLN A 196 8.28 7.28 23.06
CA GLN A 196 8.18 7.09 23.03
C GLN A 196 9.14 8.52 23.28
C GLN A 196 9.15 8.23 23.33
N ARG A 197 10.33 8.45 22.69
N ARG A 197 10.21 8.27 22.52
CA ARG A 197 11.24 9.60 22.81
CA ARG A 197 11.21 9.32 22.62
C ARG A 197 10.69 10.81 22.12
C ARG A 197 10.68 10.66 22.13
N GLU A 198 9.92 10.68 21.04
CA GLU A 198 9.22 11.84 20.50
C GLU A 198 8.34 12.49 21.57
N ALA A 199 7.58 11.66 22.29
CA ALA A 199 6.61 12.21 23.23
C ALA A 199 7.34 12.86 24.42
N ALA A 200 8.53 12.34 24.73
CA ALA A 200 9.38 12.92 25.78
C ALA A 200 10.15 14.14 25.33
N GLY A 201 9.99 14.56 24.10
CA GLY A 201 10.72 15.72 23.59
C GLY A 201 12.17 15.50 23.33
N GLU A 202 12.59 14.25 23.15
N GLU A 202 12.60 14.26 23.14
CA GLU A 202 14.00 13.90 23.06
CA GLU A 202 13.99 13.91 23.05
C GLU A 202 14.52 13.80 21.64
C GLU A 202 14.53 13.82 21.63
N VAL A 203 13.64 13.64 20.69
CA VAL A 203 14.03 13.44 19.28
C VAL A 203 13.03 14.17 18.40
N PRO A 204 13.38 14.51 17.17
CA PRO A 204 12.38 15.18 16.32
C PRO A 204 11.12 14.37 16.11
N LYS A 205 9.99 15.04 16.19
CA LYS A 205 8.71 14.36 16.02
C LYS A 205 8.34 14.15 14.58
N SER A 206 7.65 13.02 14.35
CA SER A 206 7.10 12.67 13.03
C SER A 206 5.70 12.10 13.21
N ALA A 207 5.57 10.90 13.71
CA ALA A 207 4.25 10.40 14.07
C ALA A 207 3.52 11.32 15.02
N LEU A 208 4.21 11.99 15.90
CA LEU A 208 3.57 12.88 16.89
C LEU A 208 3.58 14.32 16.42
N ALA A 209 3.85 14.56 15.13
CA ALA A 209 3.74 15.86 14.49
C ALA A 209 2.92 15.75 13.20
N THR A 210 1.85 14.96 13.24
N THR A 210 1.88 14.91 13.25
CA THR A 210 0.89 14.81 12.14
CA THR A 210 0.91 14.88 12.15
C THR A 210 1.61 14.57 10.82
C THR A 210 1.52 14.50 10.82
N GLU A 211 2.44 13.55 10.81
CA GLU A 211 3.01 13.04 9.57
C GLU A 211 2.70 11.56 9.42
N VAL A 212 2.26 11.17 8.24
CA VAL A 212 2.24 9.75 7.84
C VAL A 212 1.97 9.60 6.35
N ILE A 213 0.87 10.19 5.86
N ILE A 213 0.84 10.09 5.83
CA ILE A 213 0.33 9.84 4.54
CA ILE A 213 0.42 9.72 4.48
C ILE A 213 1.10 10.53 3.41
C ILE A 213 1.18 10.46 3.38
N TYR A 214 1.89 11.54 3.71
CA TYR A 214 2.79 12.12 2.72
C TYR A 214 4.22 11.81 3.07
N GLY A 215 4.48 10.77 3.88
CA GLY A 215 5.80 10.39 4.33
C GLY A 215 6.03 10.73 5.79
N ASN A 216 7.00 10.04 6.37
CA ASN A 216 7.47 10.32 7.70
C ASN A 216 8.94 10.73 7.67
N ASN A 217 9.24 11.92 8.16
CA ASN A 217 10.59 12.39 8.20
C ASN A 217 11.44 11.62 9.18
N HIS A 218 10.85 10.93 10.20
CA HIS A 218 11.58 10.16 11.16
C HIS A 218 10.76 8.95 11.53
N GLY A 219 11.40 7.95 12.12
CA GLY A 219 10.75 6.86 12.78
C GLY A 219 10.26 5.68 11.99
N LYS A 220 9.75 5.90 10.79
CA LYS A 220 9.12 4.83 10.04
C LYS A 220 10.13 4.09 9.20
N GLN A 221 10.22 2.78 9.38
N GLN A 221 10.22 2.78 9.41
CA GLN A 221 11.23 2.01 8.63
CA GLN A 221 11.14 1.94 8.65
C GLN A 221 10.64 1.55 7.31
C GLN A 221 10.51 1.54 7.31
N SER A 222 10.56 2.45 6.35
CA SER A 222 10.08 2.21 5.02
C SER A 222 11.11 1.35 4.27
N LEU A 223 10.77 0.90 3.08
CA LEU A 223 11.59 -0.12 2.42
C LEU A 223 12.97 0.39 1.97
N ASP A 224 13.09 1.71 1.80
CA ASP A 224 14.38 2.28 1.48
C ASP A 224 15.37 2.06 2.63
N LYS A 225 14.94 1.94 3.86
CA LYS A 225 15.77 1.66 5.00
C LYS A 225 15.99 0.16 5.22
N THR A 226 15.08 -0.71 4.77
CA THR A 226 15.21 -2.14 5.10
C THR A 226 15.60 -2.90 3.84
N TYR A 227 14.65 -3.45 3.10
CA TYR A 227 15.01 -4.31 1.98
C TYR A 227 15.84 -3.60 0.91
N LEU A 228 15.50 -2.37 0.59
CA LEU A 228 16.23 -1.73 -0.54
C LEU A 228 17.63 -1.33 -0.15
N ALA A 229 17.82 -0.90 1.11
CA ALA A 229 19.18 -0.62 1.56
C ALA A 229 20.01 -1.88 1.49
N ALA A 230 19.43 -3.03 1.89
CA ALA A 230 20.16 -4.31 1.82
C ALA A 230 20.42 -4.70 0.38
N ALA A 231 19.46 -4.49 -0.49
CA ALA A 231 19.67 -4.84 -1.91
C ALA A 231 20.80 -4.03 -2.49
N LEU A 232 20.83 -2.73 -2.22
CA LEU A 232 21.95 -1.92 -2.71
C LEU A 232 23.29 -2.41 -2.13
N GLY A 233 23.27 -2.85 -0.88
CA GLY A 233 24.43 -3.38 -0.20
C GLY A 233 25.01 -4.62 -0.82
N THR A 234 24.27 -5.28 -1.67
CA THR A 234 24.81 -6.50 -2.28
C THR A 234 25.86 -6.16 -3.32
N GLY A 235 25.86 -4.95 -3.84
CA GLY A 235 26.75 -4.51 -4.87
C GLY A 235 26.24 -4.93 -6.23
N LYS A 236 25.08 -5.60 -6.32
CA LYS A 236 24.54 -6.12 -7.58
C LYS A 236 23.24 -5.45 -7.99
N VAL A 237 22.78 -4.40 -7.30
CA VAL A 237 21.50 -3.79 -7.56
C VAL A 237 21.73 -2.29 -7.73
N THR A 238 21.09 -1.73 -8.76
CA THR A 238 21.02 -0.28 -8.91
C THR A 238 19.56 0.12 -9.13
N ILE A 239 19.29 1.36 -8.74
CA ILE A 239 17.94 1.92 -8.83
C ILE A 239 17.96 3.19 -9.67
N GLN A 240 17.22 3.25 -10.76
N GLN A 240 17.14 3.18 -10.70
CA GLN A 240 17.05 4.46 -11.58
CA GLN A 240 16.88 4.31 -11.55
C GLN A 240 15.65 5.04 -11.35
C GLN A 240 15.57 4.97 -11.17
N THR A 241 15.58 6.27 -10.93
CA THR A 241 14.33 6.92 -10.54
C THR A 241 13.82 7.81 -11.65
N LEU A 242 12.57 8.24 -11.54
CA LEU A 242 11.90 9.05 -12.55
C LEU A 242 11.92 8.34 -13.93
N HIS A 243 11.89 7.01 -13.87
CA HIS A 243 11.89 6.15 -15.03
C HIS A 243 10.62 5.30 -14.98
N GLN A 244 9.72 5.54 -15.92
CA GLN A 244 8.46 4.82 -15.98
C GLN A 244 8.48 3.83 -17.16
N VAL A 245 8.27 2.54 -16.88
CA VAL A 245 8.14 1.56 -17.96
C VAL A 245 6.77 1.72 -18.62
N LYS A 246 6.76 1.76 -19.93
N LYS A 246 6.81 1.85 -19.92
CA LYS A 246 5.55 1.97 -20.71
CA LYS A 246 5.59 2.02 -20.71
C LYS A 246 5.13 0.75 -21.49
C LYS A 246 5.18 0.77 -21.46
N THR A 247 6.07 0.02 -22.07
CA THR A 247 5.75 -1.16 -22.83
C THR A 247 6.76 -2.25 -22.52
N ILE A 248 6.29 -3.50 -22.70
CA ILE A 248 7.05 -4.71 -22.55
C ILE A 248 6.85 -5.60 -23.76
N ARG A 249 7.92 -6.11 -24.34
CA ARG A 249 7.81 -7.07 -25.42
C ARG A 249 8.81 -8.17 -25.21
N GLN A 250 8.63 -9.30 -25.88
N GLN A 250 8.57 -9.32 -25.83
CA GLN A 250 9.61 -10.35 -25.99
CA GLN A 250 9.48 -10.43 -25.82
C GLN A 250 10.63 -10.00 -27.08
C GLN A 250 10.36 -10.36 -27.07
N THR A 251 11.92 -10.05 -26.78
N THR A 251 11.67 -10.39 -26.85
CA THR A 251 12.83 -9.79 -27.90
CA THR A 251 12.56 -10.46 -28.01
C THR A 251 12.82 -10.97 -28.85
C THR A 251 12.42 -11.80 -28.70
N LYS A 252 13.23 -10.71 -30.08
N LYS A 252 12.99 -11.89 -29.89
CA LYS A 252 13.35 -11.79 -31.04
CA LYS A 252 12.87 -13.04 -30.75
C LYS A 252 14.41 -12.81 -30.64
C LYS A 252 13.58 -14.24 -30.14
N ASP A 253 15.46 -12.35 -29.95
N ASP A 253 14.50 -13.95 -29.22
CA ASP A 253 16.58 -13.24 -29.67
CA ASP A 253 15.29 -14.99 -28.56
C ASP A 253 16.53 -13.73 -28.22
C ASP A 253 14.80 -15.25 -27.15
N GLY A 254 15.40 -13.44 -27.61
N GLY A 254 13.68 -14.66 -26.72
CA GLY A 254 15.20 -13.91 -26.27
CA GLY A 254 13.17 -15.01 -25.40
C GLY A 254 15.29 -12.83 -25.23
C GLY A 254 13.57 -14.10 -24.25
N GLY A 255 14.40 -13.05 -24.26
CA GLY A 255 14.45 -12.07 -23.19
C GLY A 255 13.35 -11.05 -23.41
N TYR A 256 13.42 -9.94 -22.69
CA TYR A 256 12.40 -8.89 -22.72
C TYR A 256 13.04 -7.53 -22.99
N ALA A 257 12.29 -6.71 -23.72
CA ALA A 257 12.69 -5.33 -23.97
C ALA A 257 11.58 -4.39 -23.53
N LEU A 258 12.00 -3.29 -22.95
CA LEU A 258 11.13 -2.31 -22.33
C LEU A 258 11.31 -0.97 -22.97
N THR A 259 10.24 -0.23 -23.18
CA THR A 259 10.35 1.20 -23.45
C THR A 259 10.11 1.95 -22.14
N VAL A 260 11.01 2.86 -21.85
CA VAL A 260 11.11 3.50 -20.53
C VAL A 260 11.26 5.00 -20.69
N GLU A 261 10.35 5.75 -20.10
CA GLU A 261 10.37 7.20 -20.20
C GLU A 261 11.08 7.77 -18.98
N GLN A 262 12.03 8.63 -19.19
N GLN A 262 12.05 8.62 -19.20
CA GLN A 262 12.70 9.39 -18.16
CA GLN A 262 12.70 9.37 -18.14
C GLN A 262 12.13 10.80 -18.12
C GLN A 262 12.10 10.76 -18.12
N LYS A 263 11.65 11.17 -16.95
CA LYS A 263 11.06 12.49 -16.76
C LYS A 263 11.79 13.29 -15.68
N ASP A 264 11.56 14.61 -15.70
CA ASP A 264 12.02 15.39 -14.55
C ASP A 264 10.90 15.45 -13.50
N THR A 265 11.13 16.09 -12.37
CA THR A 265 10.10 16.17 -11.34
C THR A 265 8.93 17.09 -11.68
N ASP A 266 9.02 17.89 -12.73
CA ASP A 266 7.87 18.63 -13.27
C ASP A 266 7.11 17.83 -14.30
N GLY A 267 7.56 16.61 -14.60
CA GLY A 267 6.85 15.80 -15.58
C GLY A 267 7.28 15.95 -17.01
N LYS A 268 8.30 16.74 -17.25
CA LYS A 268 8.82 16.89 -18.59
C LYS A 268 9.53 15.62 -19.05
N LEU A 269 9.22 15.22 -20.29
CA LEU A 269 9.93 14.08 -20.89
C LEU A 269 11.35 14.45 -21.26
N LEU A 270 12.34 13.74 -20.72
CA LEU A 270 13.73 14.00 -21.01
C LEU A 270 14.29 13.02 -22.03
N ALA A 271 13.82 11.79 -22.03
CA ALA A 271 14.38 10.73 -22.86
C ALA A 271 13.43 9.55 -22.89
N THR A 272 13.46 8.79 -23.97
CA THR A 272 12.80 7.48 -24.00
C THR A 272 13.92 6.48 -24.34
N LYS A 273 14.04 5.49 -23.49
CA LYS A 273 15.10 4.51 -23.54
C LYS A 273 14.58 3.13 -23.81
N GLU A 274 15.41 2.34 -24.46
N GLU A 274 15.45 2.34 -24.40
CA GLU A 274 15.11 0.92 -24.52
CA GLU A 274 15.25 0.92 -24.57
C GLU A 274 16.06 0.21 -23.55
C GLU A 274 16.17 0.15 -23.62
N ILE A 275 15.46 -0.63 -22.71
N ILE A 275 15.54 -0.63 -22.76
CA ILE A 275 16.13 -1.45 -21.72
CA ILE A 275 16.28 -1.43 -21.78
C ILE A 275 15.78 -2.91 -21.99
C ILE A 275 15.83 -2.87 -21.89
N SER A 276 16.78 -3.80 -21.99
CA SER A 276 16.44 -5.19 -22.18
C SER A 276 17.07 -6.04 -21.08
N CYS A 277 16.55 -7.29 -20.96
CA CYS A 277 16.96 -8.15 -19.86
C CYS A 277 16.69 -9.60 -20.21
N ARG A 278 17.18 -10.47 -19.33
N ARG A 278 17.20 -10.50 -19.38
CA ARG A 278 16.99 -11.91 -19.41
CA ARG A 278 16.89 -11.92 -19.45
C ARG A 278 15.83 -12.32 -18.52
C ARG A 278 15.68 -12.20 -18.58
N TYR A 279 15.72 -11.71 -17.34
CA TYR A 279 14.66 -11.97 -16.37
C TYR A 279 13.95 -10.67 -16.06
N LEU A 280 12.60 -10.67 -16.12
CA LEU A 280 11.83 -9.43 -15.89
C LEU A 280 10.83 -9.67 -14.78
N PHE A 281 10.94 -8.86 -13.75
CA PHE A 281 10.10 -8.94 -12.59
C PHE A 281 9.24 -7.67 -12.48
N LEU A 282 7.94 -7.85 -12.41
CA LEU A 282 7.02 -6.75 -12.26
C LEU A 282 6.68 -6.56 -10.79
N GLY A 283 6.96 -5.39 -10.27
CA GLY A 283 6.61 -4.97 -8.92
C GLY A 283 6.02 -3.58 -8.89
N ALA A 284 5.21 -3.26 -9.90
CA ALA A 284 4.60 -1.97 -10.11
C ALA A 284 3.28 -1.83 -9.37
N GLY A 285 2.91 -2.80 -8.54
CA GLY A 285 1.69 -2.77 -7.73
C GLY A 285 0.50 -3.37 -8.46
N SER A 286 -0.58 -3.58 -7.67
CA SER A 286 -1.85 -4.04 -8.23
C SER A 286 -2.24 -3.23 -9.47
N LEU A 287 -2.16 -1.90 -9.41
CA LEU A 287 -2.54 -1.06 -10.52
C LEU A 287 -1.47 -1.15 -11.61
N GLY A 288 -0.21 -0.93 -11.23
CA GLY A 288 0.81 -0.70 -12.29
C GLY A 288 1.19 -1.96 -12.99
N SER A 289 1.32 -3.08 -12.29
CA SER A 289 1.68 -4.34 -12.97
C SER A 289 0.56 -4.79 -13.88
N THR A 290 -0.67 -4.71 -13.34
CA THR A 290 -1.80 -5.13 -14.17
C THR A 290 -1.92 -4.27 -15.41
N GLU A 291 -1.72 -2.96 -15.27
CA GLU A 291 -1.82 -2.10 -16.44
C GLU A 291 -0.80 -2.47 -17.49
N LEU A 292 0.46 -2.72 -17.09
CA LEU A 292 1.48 -3.13 -18.07
C LEU A 292 1.11 -4.37 -18.84
N LEU A 293 0.51 -5.34 -18.15
CA LEU A 293 0.22 -6.64 -18.79
C LEU A 293 -1.03 -6.58 -19.62
N VAL A 294 -2.03 -5.88 -19.13
N VAL A 294 -2.13 -5.88 -19.23
CA VAL A 294 -3.23 -5.68 -19.92
CA VAL A 294 -3.28 -5.75 -20.13
C VAL A 294 -2.90 -4.92 -21.20
C VAL A 294 -2.85 -4.95 -21.36
N ARG A 295 -2.06 -3.88 -21.13
CA ARG A 295 -1.56 -3.15 -22.30
C ARG A 295 -0.81 -4.09 -23.23
N ALA A 296 0.13 -4.89 -22.72
CA ALA A 296 0.94 -5.74 -23.55
C ALA A 296 0.09 -6.79 -24.26
N ARG A 297 -0.91 -7.35 -23.59
CA ARG A 297 -1.79 -8.30 -24.23
C ARG A 297 -2.55 -7.65 -25.36
N ASP A 298 -3.16 -6.52 -25.04
N ASP A 298 -3.22 -6.53 -25.08
CA ASP A 298 -4.18 -5.97 -25.92
CA ASP A 298 -4.16 -6.00 -26.06
C ASP A 298 -3.58 -5.05 -26.98
C ASP A 298 -3.47 -5.30 -27.22
N THR A 299 -2.28 -4.74 -26.99
CA THR A 299 -1.54 -4.06 -28.06
C THR A 299 -0.66 -5.05 -28.81
N GLY A 300 -0.66 -6.34 -28.49
CA GLY A 300 0.00 -7.37 -29.20
C GLY A 300 1.48 -7.50 -28.92
N THR A 301 2.01 -6.91 -27.87
CA THR A 301 3.42 -7.09 -27.55
C THR A 301 3.68 -8.30 -26.65
N LEU A 302 2.72 -8.77 -25.90
CA LEU A 302 2.80 -10.06 -25.21
C LEU A 302 1.50 -10.78 -25.56
N PRO A 303 1.37 -11.22 -26.80
CA PRO A 303 0.07 -11.76 -27.23
C PRO A 303 -0.34 -13.07 -26.60
N ASN A 304 0.57 -13.77 -25.92
N ASN A 304 0.56 -13.78 -25.90
CA ASN A 304 0.27 -15.06 -25.32
CA ASN A 304 0.11 -15.04 -25.34
C ASN A 304 -0.30 -14.93 -23.91
C ASN A 304 -0.23 -14.94 -23.86
N LEU A 305 -0.46 -13.72 -23.37
CA LEU A 305 -1.02 -13.58 -22.01
C LEU A 305 -2.46 -14.08 -21.96
N ASN A 306 -2.86 -14.64 -20.82
CA ASN A 306 -4.18 -15.22 -20.76
C ASN A 306 -5.27 -14.23 -20.38
N SER A 307 -6.49 -14.72 -20.37
CA SER A 307 -7.71 -13.95 -20.18
C SER A 307 -7.84 -13.56 -18.70
N GLU A 308 -7.10 -14.18 -17.79
CA GLU A 308 -7.15 -13.81 -16.37
C GLU A 308 -6.33 -12.57 -16.08
N VAL A 309 -5.45 -12.17 -16.97
CA VAL A 309 -4.75 -10.88 -16.77
C VAL A 309 -5.80 -9.78 -16.76
N GLY A 310 -5.81 -8.97 -15.70
CA GLY A 310 -6.78 -7.93 -15.48
C GLY A 310 -7.86 -8.28 -14.50
N ALA A 311 -8.13 -9.55 -14.26
CA ALA A 311 -9.25 -9.96 -13.47
C ALA A 311 -8.97 -10.04 -11.98
N GLY A 312 -10.08 -10.15 -11.24
CA GLY A 312 -9.92 -10.51 -9.83
C GLY A 312 -9.45 -9.41 -8.92
N TRP A 313 -9.77 -8.16 -9.23
CA TRP A 313 -9.37 -7.06 -8.38
C TRP A 313 -10.41 -6.78 -7.29
N GLY A 314 -9.87 -6.52 -6.10
CA GLY A 314 -10.70 -5.99 -5.03
C GLY A 314 -9.99 -5.05 -4.13
N PRO A 315 -10.73 -4.22 -3.42
CA PRO A 315 -10.13 -3.19 -2.55
C PRO A 315 -9.86 -3.67 -1.13
N ASN A 316 -9.60 -4.94 -0.94
CA ASN A 316 -9.42 -5.52 0.39
C ASN A 316 -10.58 -5.18 1.29
N GLY A 317 -11.76 -5.07 0.73
CA GLY A 317 -12.92 -4.78 1.53
C GLY A 317 -12.86 -3.45 2.25
N ASN A 318 -12.10 -2.46 1.87
CA ASN A 318 -11.86 -1.23 2.60
C ASN A 318 -13.10 -0.33 2.63
N ILE A 319 -13.49 0.04 3.85
CA ILE A 319 -14.58 0.98 4.12
C ILE A 319 -14.17 1.87 5.25
N MET A 320 -14.42 3.18 5.18
N MET A 320 -14.44 3.17 5.16
CA MET A 320 -14.13 4.07 6.28
CA MET A 320 -14.16 4.11 6.22
C MET A 320 -15.44 4.58 6.88
C MET A 320 -15.46 4.58 6.88
N THR A 321 -15.45 4.70 8.21
CA THR A 321 -16.64 5.24 8.90
C THR A 321 -16.20 5.91 10.17
N ALA A 322 -17.11 6.59 10.82
CA ALA A 322 -16.79 7.35 12.03
C ALA A 322 -18.02 7.42 12.93
N ARG A 323 -17.72 7.49 14.20
CA ARG A 323 -18.71 7.65 15.27
C ARG A 323 -18.47 8.94 16.04
N ALA A 324 -19.57 9.55 16.46
CA ALA A 324 -19.56 10.74 17.31
C ALA A 324 -19.57 10.28 18.75
N ASN A 325 -18.52 10.60 19.52
CA ASN A 325 -18.48 10.24 20.92
C ASN A 325 -19.31 11.16 21.81
N HIS A 326 -19.71 10.60 22.92
CA HIS A 326 -20.28 11.43 23.95
C HIS A 326 -19.26 12.51 24.39
N MET A 327 -19.77 13.65 24.88
N MET A 327 -19.81 13.61 24.90
CA MET A 327 -18.85 14.70 25.27
CA MET A 327 -19.01 14.72 25.37
C MET A 327 -17.92 14.28 26.39
C MET A 327 -18.01 14.35 26.43
N TRP A 328 -18.32 13.30 27.18
CA TRP A 328 -17.46 12.84 28.25
C TRP A 328 -16.40 11.85 27.75
N ASN A 329 -16.35 11.56 26.47
CA ASN A 329 -15.32 10.72 25.86
C ASN A 329 -14.55 11.43 24.76
N PRO A 330 -13.83 12.52 25.10
CA PRO A 330 -12.98 13.15 24.12
C PRO A 330 -11.87 12.20 23.69
N THR A 331 -11.47 12.39 22.40
CA THR A 331 -10.45 11.50 21.84
C THR A 331 -9.09 12.18 21.88
N GLY A 332 -9.01 13.45 22.22
CA GLY A 332 -7.78 14.17 22.39
C GLY A 332 -7.39 15.00 21.19
N ALA A 333 -6.72 16.13 21.43
N ALA A 333 -6.73 16.11 21.50
CA ALA A 333 -6.21 16.87 20.28
CA ALA A 333 -6.13 17.01 20.53
C ALA A 333 -4.87 16.31 19.80
C ALA A 333 -4.83 16.47 19.95
N HIS A 334 -4.22 15.55 20.69
CA HIS A 334 -2.89 15.00 20.36
C HIS A 334 -3.03 13.52 20.06
N GLN A 335 -3.00 13.13 18.79
CA GLN A 335 -3.21 11.76 18.37
C GLN A 335 -2.03 11.33 17.52
N SER A 336 -1.32 10.28 17.93
CA SER A 336 -0.28 9.74 17.09
C SER A 336 -0.84 9.39 15.72
N SER A 337 -0.06 9.69 14.71
N SER A 337 -0.12 9.68 14.65
CA SER A 337 -0.46 9.41 13.35
CA SER A 337 -0.62 9.34 13.33
C SER A 337 -0.33 7.96 12.93
C SER A 337 -0.57 7.85 13.01
N ILE A 338 0.20 7.12 13.80
CA ILE A 338 0.39 5.70 13.57
C ILE A 338 -0.64 4.94 14.40
N PRO A 339 -1.54 4.19 13.79
N PRO A 339 -1.50 4.15 13.78
CA PRO A 339 -2.49 3.43 14.62
CA PRO A 339 -2.46 3.34 14.56
C PRO A 339 -1.73 2.39 15.42
C PRO A 339 -1.78 2.23 15.35
N ALA A 340 -2.35 2.00 16.54
CA ALA A 340 -1.79 0.95 17.37
C ALA A 340 -2.79 -0.17 17.71
N LEU A 341 -4.10 0.05 17.57
CA LEU A 341 -5.13 -0.87 17.98
C LEU A 341 -6.11 -1.11 16.87
N GLY A 342 -6.62 -2.35 16.78
CA GLY A 342 -7.71 -2.68 15.88
C GLY A 342 -8.77 -3.46 16.65
N ILE A 343 -9.93 -3.50 16.03
CA ILE A 343 -11.03 -4.34 16.46
C ILE A 343 -11.06 -5.59 15.61
N ASP A 344 -10.77 -6.74 16.18
CA ASP A 344 -10.72 -8.01 15.43
C ASP A 344 -12.04 -8.72 15.59
N ALA A 345 -12.87 -8.56 14.60
CA ALA A 345 -14.16 -9.28 14.55
C ALA A 345 -14.21 -10.12 13.29
N TRP A 346 -13.08 -10.72 12.94
CA TRP A 346 -12.92 -11.49 11.71
C TRP A 346 -12.98 -12.98 12.07
N ASP A 347 -14.04 -13.64 11.57
CA ASP A 347 -14.13 -15.07 11.77
C ASP A 347 -14.25 -15.86 10.48
N ASN A 348 -13.97 -15.25 9.35
CA ASN A 348 -13.97 -15.80 8.02
C ASN A 348 -15.39 -15.91 7.48
N SER A 349 -16.38 -15.49 8.29
CA SER A 349 -17.74 -15.44 7.76
C SER A 349 -17.98 -14.16 7.00
N ASP A 350 -19.15 -14.03 6.38
CA ASP A 350 -19.41 -12.85 5.57
C ASP A 350 -19.63 -11.60 6.39
N SER A 351 -19.80 -11.76 7.71
CA SER A 351 -19.92 -10.62 8.60
C SER A 351 -18.57 -10.20 9.14
N SER A 352 -17.48 -10.80 8.72
CA SER A 352 -16.15 -10.48 9.25
C SER A 352 -15.76 -9.03 9.06
N VAL A 353 -15.13 -8.48 10.06
CA VAL A 353 -14.57 -7.14 10.00
C VAL A 353 -13.30 -7.14 10.84
N PHE A 354 -12.23 -6.61 10.26
N PHE A 354 -12.20 -6.59 10.30
CA PHE A 354 -11.00 -6.25 10.98
CA PHE A 354 -11.01 -6.26 11.10
C PHE A 354 -10.93 -4.74 10.84
C PHE A 354 -10.76 -4.77 10.89
N ALA A 355 -11.08 -3.97 11.90
CA ALA A 355 -11.10 -2.53 11.81
C ALA A 355 -9.96 -1.82 12.54
N GLN A 356 -9.27 -0.98 11.83
CA GLN A 356 -8.22 -0.13 12.40
C GLN A 356 -8.90 1.01 13.15
N ILE A 357 -8.46 1.28 14.36
CA ILE A 357 -8.88 2.50 15.09
C ILE A 357 -7.92 3.57 14.63
N ALA A 358 -8.42 4.45 13.79
CA ALA A 358 -7.59 5.38 13.04
C ALA A 358 -7.49 6.70 13.73
N PRO A 359 -6.28 7.28 13.83
CA PRO A 359 -6.17 8.61 14.38
C PRO A 359 -6.68 9.66 13.43
N MET A 360 -6.97 10.81 14.03
N MET A 360 -7.05 10.82 13.99
CA MET A 360 -7.24 11.93 13.13
CA MET A 360 -7.47 12.02 13.29
C MET A 360 -6.30 13.08 13.40
C MET A 360 -6.40 13.11 13.40
N PRO A 361 -5.92 13.75 12.33
CA PRO A 361 -4.88 14.77 12.44
C PRO A 361 -5.33 16.18 12.78
N ALA A 362 -6.60 16.49 13.10
CA ALA A 362 -7.09 17.84 13.32
C ALA A 362 -6.34 18.64 14.34
N GLY A 363 -5.82 17.99 15.36
CA GLY A 363 -5.01 18.87 16.25
C GLY A 363 -5.85 19.65 17.21
N LEU A 364 -7.15 19.42 17.22
CA LEU A 364 -8.04 19.98 18.22
C LEU A 364 -9.07 18.91 18.56
N GLU A 365 -9.81 19.05 19.65
CA GLU A 365 -10.79 18.06 20.02
C GLU A 365 -12.01 18.10 19.09
N THR A 366 -12.34 16.94 18.53
CA THR A 366 -13.47 16.82 17.65
C THR A 366 -14.51 15.78 18.11
N TRP A 367 -14.18 14.97 19.09
CA TRP A 367 -15.00 13.89 19.61
C TRP A 367 -15.23 12.80 18.57
N VAL A 368 -14.54 12.82 17.45
CA VAL A 368 -14.79 11.78 16.44
C VAL A 368 -13.88 10.59 16.65
N SER A 369 -14.40 9.39 16.50
CA SER A 369 -13.65 8.17 16.35
C SER A 369 -13.74 7.75 14.90
N LEU A 370 -12.59 7.50 14.29
CA LEU A 370 -12.51 7.12 12.87
C LEU A 370 -12.07 5.67 12.78
N TYR A 371 -12.60 4.94 11.81
CA TYR A 371 -12.26 3.54 11.60
C TYR A 371 -12.06 3.21 10.12
N LEU A 372 -11.06 2.37 9.87
CA LEU A 372 -10.89 1.77 8.56
C LEU A 372 -11.16 0.27 8.67
N ALA A 373 -12.26 -0.15 8.12
CA ALA A 373 -12.69 -1.54 8.19
C ALA A 373 -12.22 -2.31 6.96
N ILE A 374 -11.74 -3.50 7.21
CA ILE A 374 -11.39 -4.53 6.22
C ILE A 374 -12.44 -5.61 6.33
N THR A 375 -13.13 -5.90 5.23
CA THR A 375 -14.29 -6.80 5.20
C THR A 375 -14.08 -7.90 4.18
N LYS A 376 -15.02 -8.83 4.15
CA LYS A 376 -15.02 -9.96 3.26
C LYS A 376 -16.18 -9.79 2.28
N ASN A 377 -15.90 -9.28 1.10
CA ASN A 377 -16.88 -8.96 0.08
C ASN A 377 -16.45 -9.68 -1.16
N PRO A 378 -17.24 -10.61 -1.70
CA PRO A 378 -16.77 -11.41 -2.85
C PRO A 378 -16.72 -10.69 -4.19
N GLN A 379 -17.27 -9.48 -4.24
CA GLN A 379 -17.28 -8.74 -5.49
C GLN A 379 -15.89 -8.45 -5.98
N ARG A 380 -15.68 -8.56 -7.30
CA ARG A 380 -14.39 -8.24 -7.92
C ARG A 380 -14.61 -7.36 -9.13
N GLY A 381 -13.59 -6.60 -9.45
CA GLY A 381 -13.53 -5.81 -10.65
C GLY A 381 -12.50 -6.32 -11.63
N THR A 382 -12.51 -5.73 -12.81
CA THR A 382 -11.62 -6.12 -13.92
C THR A 382 -11.01 -4.86 -14.49
N PHE A 383 -9.71 -4.92 -14.73
CA PHE A 383 -9.06 -3.88 -15.49
C PHE A 383 -9.17 -4.25 -16.97
N VAL A 384 -9.71 -3.31 -17.72
N VAL A 384 -9.62 -3.30 -17.76
CA VAL A 384 -9.85 -3.35 -19.15
CA VAL A 384 -9.76 -3.50 -19.18
C VAL A 384 -8.77 -2.44 -19.75
C VAL A 384 -9.08 -2.36 -19.94
N TYR A 385 -8.33 -2.82 -20.95
CA TYR A 385 -7.50 -1.90 -21.72
C TYR A 385 -8.37 -1.00 -22.59
N ASP A 386 -8.09 0.30 -22.48
CA ASP A 386 -8.62 1.32 -23.37
C ASP A 386 -7.55 1.73 -24.37
N ALA A 387 -7.60 1.19 -25.56
CA ALA A 387 -6.59 1.54 -26.55
C ALA A 387 -6.61 3.01 -26.94
N ALA A 388 -7.76 3.65 -26.85
CA ALA A 388 -7.85 5.02 -27.26
C ALA A 388 -6.97 5.91 -26.39
N THR A 389 -7.03 5.77 -25.05
CA THR A 389 -6.21 6.58 -24.19
C THR A 389 -4.94 5.87 -23.70
N ASP A 390 -4.76 4.61 -24.07
CA ASP A 390 -3.64 3.79 -23.62
C ASP A 390 -3.57 3.66 -22.11
N ARG A 391 -4.71 3.39 -21.51
CA ARG A 391 -4.77 3.21 -20.07
C ARG A 391 -5.65 1.99 -19.77
N ALA A 392 -5.30 1.35 -18.66
N ALA A 392 -5.38 1.30 -18.67
CA ALA A 392 -6.18 0.38 -18.05
CA ALA A 392 -6.23 0.19 -18.23
C ALA A 392 -7.30 1.15 -17.34
C ALA A 392 -7.24 0.67 -17.18
N LYS A 393 -8.51 0.66 -17.54
CA LYS A 393 -9.64 1.22 -16.82
C LYS A 393 -10.18 0.17 -15.85
N LEU A 394 -10.48 0.50 -14.62
CA LEU A 394 -11.03 -0.44 -13.65
C LEU A 394 -12.54 -0.44 -13.69
N ASN A 395 -13.25 -1.55 -13.96
N ASN A 395 -13.05 -1.61 -14.10
CA ASN A 395 -14.71 -1.42 -14.23
CA ASN A 395 -14.49 -1.84 -14.16
C ASN A 395 -15.65 -1.54 -13.06
C ASN A 395 -14.85 -2.33 -12.75
N TRP A 396 -15.17 -1.40 -11.88
CA TRP A 396 -15.72 -1.55 -10.58
C TRP A 396 -16.85 -0.53 -10.43
N THR A 397 -17.97 -0.92 -9.86
CA THR A 397 -19.05 0.04 -9.64
C THR A 397 -19.27 0.13 -8.12
N ARG A 398 -19.70 1.31 -7.69
N ARG A 398 -19.68 1.32 -7.67
CA ARG A 398 -19.95 1.61 -6.29
CA ARG A 398 -19.87 1.56 -6.23
C ARG A 398 -20.86 0.57 -5.62
C ARG A 398 -20.87 0.59 -5.62
N ASP A 399 -21.88 0.09 -6.34
CA ASP A 399 -22.74 -0.90 -5.76
C ASP A 399 -22.05 -2.19 -5.41
N GLN A 400 -20.91 -2.48 -6.04
CA GLN A 400 -20.14 -3.66 -5.70
C GLN A 400 -19.53 -3.59 -4.32
N ASN A 401 -19.47 -2.42 -3.69
CA ASN A 401 -19.04 -2.37 -2.29
C ASN A 401 -20.22 -2.49 -1.31
N ALA A 402 -21.44 -2.71 -1.76
CA ALA A 402 -22.54 -2.82 -0.80
C ALA A 402 -22.29 -3.95 0.21
N PRO A 403 -21.79 -5.13 -0.14
CA PRO A 403 -21.56 -6.13 0.92
C PRO A 403 -20.53 -5.66 1.98
N ALA A 404 -19.52 -4.92 1.57
CA ALA A 404 -18.55 -4.34 2.50
C ALA A 404 -19.20 -3.32 3.43
N VAL A 405 -19.93 -2.38 2.83
CA VAL A 405 -20.65 -1.42 3.69
C VAL A 405 -21.53 -2.16 4.68
N ASN A 406 -22.25 -3.20 4.21
CA ASN A 406 -23.23 -3.85 5.06
C ASN A 406 -22.51 -4.50 6.25
N ALA A 407 -21.36 -5.10 6.00
CA ALA A 407 -20.61 -5.77 7.09
C ALA A 407 -20.06 -4.76 8.10
N ALA A 408 -19.48 -3.68 7.57
CA ALA A 408 -18.98 -2.62 8.45
C ALA A 408 -20.12 -2.01 9.26
N LYS A 409 -21.25 -1.71 8.59
CA LYS A 409 -22.36 -1.15 9.34
C LYS A 409 -22.91 -2.10 10.40
N ALA A 410 -22.99 -3.38 10.11
CA ALA A 410 -23.50 -4.25 11.15
C ALA A 410 -22.61 -4.24 12.39
N LEU A 411 -21.28 -4.22 12.24
CA LEU A 411 -20.39 -4.18 13.39
C LEU A 411 -20.51 -2.87 14.14
N PHE A 412 -20.47 -1.73 13.45
CA PHE A 412 -20.47 -0.45 14.15
C PHE A 412 -21.88 -0.15 14.67
N ASP A 413 -22.92 -0.74 14.09
CA ASP A 413 -24.24 -0.57 14.69
C ASP A 413 -24.29 -1.27 16.04
N ARG A 414 -23.61 -2.34 16.24
CA ARG A 414 -23.56 -2.96 17.51
C ARG A 414 -22.89 -2.04 18.52
N ILE A 415 -21.79 -1.40 18.13
CA ILE A 415 -21.09 -0.45 19.03
C ILE A 415 -21.97 0.74 19.34
N ASN A 416 -22.63 1.30 18.33
CA ASN A 416 -23.51 2.43 18.61
C ASN A 416 -24.64 2.01 19.55
N LYS A 417 -25.22 0.84 19.34
N LYS A 417 -25.21 0.83 19.35
CA LYS A 417 -26.37 0.45 20.19
CA LYS A 417 -26.37 0.38 20.13
C LYS A 417 -25.95 0.33 21.63
C LYS A 417 -26.00 0.20 21.59
N ALA A 418 -24.78 -0.27 21.84
CA ALA A 418 -24.32 -0.53 23.20
C ALA A 418 -23.93 0.74 23.93
N ASN A 419 -23.60 1.81 23.23
CA ASN A 419 -23.12 3.07 23.81
C ASN A 419 -24.10 4.21 23.66
N GLY A 420 -25.20 4.01 22.91
CA GLY A 420 -26.07 5.16 22.66
C GLY A 420 -25.50 6.27 21.80
N THR A 421 -24.58 5.98 20.88
CA THR A 421 -23.96 6.96 20.02
C THR A 421 -24.49 6.79 18.60
N ILE A 422 -24.20 7.78 17.76
CA ILE A 422 -24.57 7.81 16.36
C ILE A 422 -23.33 7.98 15.50
N TYR A 423 -23.50 7.68 14.21
CA TYR A 423 -22.46 7.97 13.25
C TYR A 423 -22.35 9.46 13.02
N ARG A 424 -21.18 9.87 12.54
CA ARG A 424 -21.05 11.09 11.76
C ARG A 424 -21.50 10.82 10.33
N TYR A 425 -22.12 11.81 9.72
CA TYR A 425 -22.58 11.70 8.35
C TYR A 425 -21.95 12.74 7.42
N ASP A 426 -21.12 13.60 7.93
CA ASP A 426 -20.65 14.79 7.20
C ASP A 426 -19.14 14.73 6.95
N LEU A 427 -18.45 13.65 7.17
CA LEU A 427 -17.01 13.65 7.04
C LEU A 427 -16.47 13.46 5.63
N PHE A 428 -17.27 12.93 4.71
CA PHE A 428 -16.87 12.53 3.35
C PHE A 428 -17.56 13.32 2.24
N GLY A 429 -18.08 14.52 2.52
CA GLY A 429 -18.88 15.28 1.57
C GLY A 429 -20.20 15.74 2.18
N THR A 430 -20.77 16.63 1.38
CA THR A 430 -22.00 17.32 1.72
C THR A 430 -23.16 16.36 1.92
N GLN A 431 -23.32 15.43 0.96
CA GLN A 431 -24.35 14.41 1.17
C GLN A 431 -24.13 13.64 2.47
N LEU A 432 -25.16 13.38 3.21
CA LEU A 432 -25.21 12.46 4.32
C LEU A 432 -24.64 11.11 3.92
N LYS A 433 -23.46 10.80 4.38
CA LYS A 433 -22.83 9.51 4.04
C LYS A 433 -21.99 9.12 5.23
N ALA A 434 -22.34 8.06 5.92
CA ALA A 434 -21.58 7.55 7.04
C ALA A 434 -20.46 6.60 6.65
N PHE A 435 -20.56 6.02 5.47
CA PHE A 435 -19.58 5.03 5.04
C PHE A 435 -18.93 5.45 3.75
N ALA A 436 -17.62 5.64 3.74
CA ALA A 436 -16.91 5.91 2.49
C ALA A 436 -16.64 4.59 1.80
N ASP A 437 -17.20 4.48 0.59
CA ASP A 437 -17.23 3.21 -0.13
C ASP A 437 -16.65 3.26 -1.53
N ASP A 438 -15.85 4.28 -1.80
CA ASP A 438 -15.32 4.47 -3.16
C ASP A 438 -13.84 4.90 -3.11
N PHE A 439 -13.17 4.45 -2.08
CA PHE A 439 -11.73 4.63 -2.00
C PHE A 439 -11.11 3.27 -1.72
N CYS A 440 -9.80 3.22 -1.95
CA CYS A 440 -9.00 2.06 -1.58
C CYS A 440 -7.57 2.48 -1.31
N TYR A 441 -7.02 2.08 -0.18
CA TYR A 441 -5.61 2.20 0.15
C TYR A 441 -4.84 0.90 -0.11
N GLN A 442 -5.56 -0.21 -0.22
N GLN A 442 -5.56 -0.21 -0.21
CA GLN A 442 -4.96 -1.55 -0.27
CA GLN A 442 -5.00 -1.56 -0.22
C GLN A 442 -5.49 -2.36 -1.44
C GLN A 442 -5.48 -2.35 -1.44
N PRO A 443 -5.14 -1.92 -2.65
CA PRO A 443 -5.64 -2.63 -3.88
C PRO A 443 -5.01 -4.00 -3.96
N LEU A 444 -5.78 -4.99 -4.32
CA LEU A 444 -5.28 -6.37 -4.40
C LEU A 444 -5.83 -7.03 -5.63
N GLY A 445 -4.99 -7.69 -6.42
CA GLY A 445 -5.48 -8.46 -7.56
C GLY A 445 -5.23 -7.74 -8.87
N GLY A 446 -5.71 -8.39 -9.93
CA GLY A 446 -5.43 -8.02 -11.29
C GLY A 446 -4.54 -8.99 -12.04
N CYS A 447 -3.72 -9.72 -11.31
N CYS A 447 -3.63 -9.68 -11.35
CA CYS A 447 -2.85 -10.70 -11.98
CA CYS A 447 -2.71 -10.67 -11.90
C CYS A 447 -2.65 -11.82 -10.99
C CYS A 447 -2.63 -11.85 -10.95
N VAL A 448 -3.78 -12.45 -10.67
CA VAL A 448 -3.88 -13.32 -9.52
C VAL A 448 -3.07 -14.61 -9.61
N LEU A 449 -2.41 -14.90 -8.46
CA LEU A 449 -1.55 -16.05 -8.29
C LEU A 449 -2.30 -17.31 -8.59
N GLY A 450 -1.85 -18.09 -9.55
CA GLY A 450 -2.52 -19.31 -9.93
C GLY A 450 -3.54 -19.15 -11.02
N LYS A 451 -3.89 -17.94 -11.38
N LYS A 451 -3.85 -17.94 -11.43
CA LYS A 451 -4.85 -17.59 -12.41
CA LYS A 451 -4.81 -17.71 -12.50
C LYS A 451 -4.13 -16.98 -13.62
C LYS A 451 -4.18 -16.95 -13.66
N ALA A 452 -3.60 -15.80 -13.43
CA ALA A 452 -2.82 -15.17 -14.49
C ALA A 452 -1.37 -15.65 -14.53
N THR A 453 -0.96 -16.29 -13.44
CA THR A 453 0.39 -16.76 -13.19
C THR A 453 0.31 -18.17 -12.65
N ASP A 454 1.46 -18.82 -12.53
CA ASP A 454 1.54 -20.08 -11.79
C ASP A 454 1.53 -19.74 -10.30
N ASP A 455 1.79 -20.75 -9.47
CA ASP A 455 1.70 -20.57 -8.02
C ASP A 455 2.88 -19.83 -7.41
N TYR A 456 3.82 -19.37 -8.24
CA TYR A 456 4.98 -18.60 -7.82
C TYR A 456 5.10 -17.29 -8.54
N GLY A 457 4.05 -16.86 -9.25
CA GLY A 457 4.09 -15.62 -9.98
C GLY A 457 4.67 -15.60 -11.35
N ARG A 458 4.96 -16.79 -11.87
CA ARG A 458 5.46 -16.85 -13.25
C ARG A 458 4.29 -16.58 -14.16
N VAL A 459 4.37 -15.59 -15.02
CA VAL A 459 3.25 -15.18 -15.85
C VAL A 459 2.92 -16.27 -16.87
N ALA A 460 1.68 -16.68 -16.95
CA ALA A 460 1.31 -17.74 -17.88
C ALA A 460 1.53 -17.30 -19.31
N GLY A 461 2.10 -18.23 -20.10
CA GLY A 461 2.39 -18.01 -21.49
C GLY A 461 3.83 -17.62 -21.77
N TYR A 462 4.62 -17.30 -20.73
CA TYR A 462 5.95 -16.72 -20.90
C TYR A 462 6.94 -17.34 -19.94
N LYS A 463 8.18 -17.40 -20.32
N LYS A 463 8.19 -17.40 -20.32
CA LYS A 463 9.33 -17.88 -19.56
CA LYS A 463 9.32 -17.81 -19.50
C LYS A 463 10.10 -16.70 -19.00
C LYS A 463 10.09 -16.57 -19.04
N ASN A 464 10.57 -16.75 -17.77
N ASN A 464 10.58 -16.60 -17.80
CA ASN A 464 11.37 -15.72 -17.15
CA ASN A 464 11.44 -15.55 -17.26
C ASN A 464 10.72 -14.36 -17.03
C ASN A 464 10.73 -14.25 -17.07
N LEU A 465 9.41 -14.37 -16.88
CA LEU A 465 8.56 -13.20 -16.71
C LEU A 465 7.75 -13.41 -15.45
N TYR A 466 7.89 -12.52 -14.48
CA TYR A 466 7.40 -12.72 -13.13
C TYR A 466 6.61 -11.51 -12.66
N VAL A 467 5.57 -11.77 -11.86
CA VAL A 467 4.85 -10.72 -11.12
C VAL A 467 5.03 -10.98 -9.65
N THR A 468 5.27 -9.96 -8.84
CA THR A 468 5.79 -10.13 -7.50
C THR A 468 4.97 -9.45 -6.41
N ASP A 469 3.90 -8.78 -6.73
CA ASP A 469 3.36 -7.74 -5.86
C ASP A 469 1.89 -7.95 -5.49
N GLY A 470 1.22 -6.89 -5.02
CA GLY A 470 -0.15 -7.02 -4.64
C GLY A 470 -1.10 -7.46 -5.74
N SER A 471 -0.69 -7.34 -7.03
N SER A 471 -0.70 -7.40 -7.02
CA SER A 471 -1.53 -7.85 -8.10
CA SER A 471 -1.58 -7.91 -8.06
C SER A 471 -1.76 -9.38 -8.01
C SER A 471 -1.88 -9.40 -7.87
N LEU A 472 -0.91 -10.11 -7.27
CA LEU A 472 -1.03 -11.54 -7.11
C LEU A 472 -2.15 -11.96 -6.18
N ILE A 473 -2.53 -11.10 -5.26
N ILE A 473 -2.53 -11.11 -5.24
CA ILE A 473 -3.40 -11.58 -4.20
CA ILE A 473 -3.42 -11.44 -4.13
C ILE A 473 -4.84 -11.46 -4.65
C ILE A 473 -4.86 -11.44 -4.64
N PRO A 474 -5.67 -12.47 -4.37
CA PRO A 474 -7.04 -12.49 -4.88
C PRO A 474 -8.03 -11.61 -4.15
N GLY A 475 -7.82 -10.28 -4.21
CA GLY A 475 -8.73 -9.26 -3.80
C GLY A 475 -8.89 -9.02 -2.34
N SER A 476 -8.44 -9.89 -1.48
CA SER A 476 -8.71 -9.82 -0.04
C SER A 476 -7.71 -10.62 0.76
N VAL A 477 -7.20 -10.11 1.86
N VAL A 477 -7.29 -10.07 1.89
CA VAL A 477 -6.46 -10.94 2.81
CA VAL A 477 -6.42 -10.84 2.79
C VAL A 477 -7.00 -10.82 4.24
C VAL A 477 -6.86 -10.67 4.24
N GLY A 478 -7.94 -9.92 4.52
CA GLY A 478 -8.56 -9.83 5.81
C GLY A 478 -7.82 -9.02 6.87
N VAL A 479 -6.67 -8.48 6.46
CA VAL A 479 -5.81 -7.69 7.30
C VAL A 479 -5.05 -6.74 6.36
N ASN A 480 -4.33 -5.77 6.96
N ASN A 480 -4.31 -5.82 6.99
CA ASN A 480 -3.46 -4.88 6.17
CA ASN A 480 -3.38 -4.96 6.25
C ASN A 480 -2.43 -5.71 5.41
C ASN A 480 -2.49 -5.83 5.38
N PRO A 481 -2.31 -5.51 4.09
CA PRO A 481 -1.63 -6.50 3.25
C PRO A 481 -0.13 -6.55 3.10
N PHE A 482 0.63 -5.58 3.54
CA PHE A 482 2.03 -5.58 3.09
C PHE A 482 2.83 -6.76 3.63
N VAL A 483 2.54 -7.26 4.82
CA VAL A 483 3.31 -8.42 5.31
C VAL A 483 3.05 -9.62 4.43
N THR A 484 1.83 -9.82 3.96
CA THR A 484 1.50 -10.91 3.06
C THR A 484 2.21 -10.73 1.71
N ILE A 485 2.19 -9.51 1.18
CA ILE A 485 2.92 -9.28 -0.08
C ILE A 485 4.37 -9.63 0.09
N THR A 486 4.98 -9.19 1.19
CA THR A 486 6.39 -9.44 1.43
C THR A 486 6.71 -10.93 1.57
N ALA A 487 5.93 -11.62 2.40
CA ALA A 487 6.14 -13.07 2.59
C ALA A 487 5.95 -13.87 1.33
N LEU A 488 4.90 -13.57 0.55
N LEU A 488 4.91 -13.52 0.59
CA LEU A 488 4.69 -14.27 -0.71
CA LEU A 488 4.67 -14.24 -0.66
C LEU A 488 5.88 -14.00 -1.62
C LEU A 488 5.77 -13.96 -1.64
N ALA A 489 6.34 -12.75 -1.64
CA ALA A 489 7.46 -12.42 -2.53
C ALA A 489 8.71 -13.17 -2.10
N GLU A 490 8.92 -13.33 -0.80
CA GLU A 490 10.06 -14.16 -0.33
C GLU A 490 9.92 -15.57 -0.83
N ARG A 491 8.73 -16.14 -0.71
CA ARG A 491 8.50 -17.54 -1.18
C ARG A 491 8.75 -17.68 -2.66
N ASN A 492 8.24 -16.73 -3.41
CA ASN A 492 8.26 -16.81 -4.87
C ASN A 492 9.64 -16.60 -5.42
N VAL A 493 10.34 -15.56 -4.98
CA VAL A 493 11.67 -15.33 -5.55
C VAL A 493 12.65 -16.44 -5.15
N GLU A 494 12.49 -17.00 -3.95
N GLU A 494 12.52 -17.02 -3.96
CA GLU A 494 13.40 -18.09 -3.59
CA GLU A 494 13.42 -18.10 -3.59
C GLU A 494 13.25 -19.23 -4.58
C GLU A 494 13.27 -19.27 -4.54
N ARG A 495 12.02 -19.62 -4.86
CA ARG A 495 11.78 -20.72 -5.79
C ARG A 495 12.20 -20.36 -7.20
N ILE A 496 11.93 -19.15 -7.64
N ILE A 496 11.91 -19.15 -7.62
CA ILE A 496 12.30 -18.75 -9.01
CA ILE A 496 12.28 -18.78 -8.98
C ILE A 496 13.80 -18.82 -9.19
C ILE A 496 13.78 -18.80 -9.17
N ILE A 497 14.53 -18.31 -8.19
CA ILE A 497 15.99 -18.32 -8.33
C ILE A 497 16.48 -19.76 -8.35
N LYS A 498 15.93 -20.60 -7.50
CA LYS A 498 16.40 -21.99 -7.45
C LYS A 498 16.11 -22.73 -8.74
N GLN A 499 14.96 -22.55 -9.35
CA GLN A 499 14.56 -23.36 -10.49
C GLN A 499 14.83 -22.70 -11.85
N ASP A 500 14.86 -21.38 -11.92
CA ASP A 500 14.86 -20.69 -13.18
C ASP A 500 16.13 -19.90 -13.45
N VAL A 501 16.86 -19.49 -12.44
CA VAL A 501 17.93 -18.52 -12.64
C VAL A 501 19.31 -19.14 -12.52
#